data_2VX0
#
_entry.id   2VX0
#
_cell.length_a   46.123
_cell.length_b   53.492
_cell.length_c   61.265
_cell.angle_alpha   90.00
_cell.angle_beta   110.91
_cell.angle_gamma   90.00
#
_symmetry.space_group_name_H-M   'P 1 21 1'
#
loop_
_entity.id
_entity.type
_entity.pdbx_description
1 polymer 'EPHRIN TYPE-B RECEPTOR 4'
2 non-polymer "N'-(5-CHLORO-1,3-BENZODIOXOL-4-YL)-N-(3-MORPHOLIN-4-YLPHENYL)PYRIMIDINE-2,4-DIAMINE"
3 non-polymer 'MAGNESIUM ION'
4 water water
#
_entity_poly.entity_id   1
_entity_poly.type   'polypeptide(L)'
_entity_poly.pdbx_seq_one_letter_code
;DPNEAVREFAKEIDVSYVKIEEVIGAGEFGEVCRGRLKAPGKKESCVAIKTLKGGYTERQRREFLSEASIMGQFEHPNII
RLEGVVTNSMPVMILTEFMENGALDSFLRLNDGQFTVIQLVGMLRGIASGMRYLAEMSYVHRDLAARNILVNSNLVCKVS
DFGLSRFLEENSSDPTETSSLGGKIPIRWTAPEAIAFRKFTSASDAWSYGIVMWEVMSFGERPYWDMSNQDVINAIEQDY
RLPPPPDCPTSLHQLMLDCWQKDRNARPRFPQVVSALDKMIRNPASLKIVARENGGASHPLL
;
_entity_poly.pdbx_strand_id   A
#
loop_
_chem_comp.id
_chem_comp.type
_chem_comp.name
_chem_comp.formula
7X7 non-polymer N'-(5-CHLORO-1,3-BENZODIOXOL-4-YL)-N-(3-MORPHOLIN-4-YLPHENYL)PYRIMIDINE-2,4-DIAMINE 'C21 H20 Cl N5 O3'
MG non-polymer 'MAGNESIUM ION' 'Mg 2'
#
# COMPACT_ATOMS: atom_id res chain seq x y z
N LYS A 11 -4.95 -1.51 21.70
CA LYS A 11 -4.57 -1.95 23.06
C LYS A 11 -3.26 -1.35 23.55
N GLU A 12 -3.26 -1.00 24.82
CA GLU A 12 -2.15 -0.33 25.44
C GLU A 12 -1.09 -1.36 25.81
N ILE A 13 0.13 -1.15 25.32
CA ILE A 13 1.26 -2.02 25.64
C ILE A 13 2.17 -1.38 26.69
N ASP A 14 2.45 -2.15 27.73
CA ASP A 14 3.38 -1.80 28.80
C ASP A 14 4.74 -1.63 28.16
N VAL A 15 5.36 -0.49 28.42
CA VAL A 15 6.58 -0.16 27.74
C VAL A 15 7.74 -1.10 28.14
N SER A 16 7.70 -1.64 29.36
CA SER A 16 8.61 -2.73 29.75
C SER A 16 8.59 -3.93 28.81
N TYR A 17 7.49 -4.16 28.11
CA TYR A 17 7.38 -5.29 27.19
C TYR A 17 8.09 -5.10 25.85
N VAL A 18 8.65 -3.90 25.63
CA VAL A 18 9.17 -3.49 24.32
C VAL A 18 10.68 -3.25 24.41
N LYS A 19 11.44 -3.83 23.47
CA LYS A 19 12.86 -3.54 23.29
C LYS A 19 13.10 -3.07 21.87
N ILE A 20 13.65 -1.87 21.71
CA ILE A 20 13.98 -1.31 20.39
C ILE A 20 15.42 -1.66 20.02
N GLU A 21 15.60 -2.28 18.84
CA GLU A 21 16.87 -2.83 18.41
C GLU A 21 17.67 -1.97 17.42
N GLU A 22 17.00 -1.36 16.44
CA GLU A 22 17.69 -0.58 15.39
C GLU A 22 16.72 0.41 14.72
N VAL A 23 17.19 1.62 14.39
CA VAL A 23 16.38 2.57 13.61
C VAL A 23 16.50 2.18 12.13
N ILE A 24 15.39 1.90 11.47
CA ILE A 24 15.41 1.34 10.11
C ILE A 24 14.74 2.23 9.08
N GLY A 25 14.16 3.34 9.50
CA GLY A 25 13.57 4.23 8.53
C GLY A 25 13.03 5.48 9.18
N ALA A 26 12.35 6.29 8.37
CA ALA A 26 11.68 7.52 8.84
C ALA A 26 10.24 7.57 8.30
N GLY A 27 9.32 8.04 9.13
CA GLY A 27 7.97 8.35 8.66
C GLY A 27 7.72 9.83 8.81
N GLU A 28 6.46 10.21 8.60
CA GLU A 28 6.01 11.60 8.65
C GLU A 28 6.29 12.26 10.00
N PHE A 29 6.19 11.49 11.08
CA PHE A 29 6.22 12.09 12.42
C PHE A 29 7.43 11.71 13.23
N GLY A 30 8.25 10.82 12.69
CA GLY A 30 9.40 10.35 13.43
C GLY A 30 10.01 9.11 12.83
N GLU A 31 10.68 8.36 13.70
CA GLU A 31 11.45 7.20 13.30
C GLU A 31 10.58 5.96 13.13
N VAL A 32 11.09 5.02 12.34
CA VAL A 32 10.60 3.66 12.32
C VAL A 32 11.74 2.79 12.77
N CYS A 33 11.47 1.95 13.78
CA CYS A 33 12.44 1.05 14.38
C CYS A 33 12.02 -0.40 14.33
N ARG A 34 13.02 -1.28 14.45
CA ARG A 34 12.78 -2.69 14.60
C ARG A 34 13.03 -2.99 16.05
N GLY A 35 12.23 -3.88 16.59
CA GLY A 35 12.41 -4.26 17.98
C GLY A 35 11.72 -5.55 18.27
N ARG A 36 11.48 -5.78 19.57
CA ARG A 36 10.92 -7.04 20.07
C ARG A 36 9.84 -6.78 21.10
N LEU A 37 8.70 -7.45 20.93
CA LEU A 37 7.60 -7.40 21.85
C LEU A 37 7.55 -8.74 22.59
N LYS A 38 7.50 -8.69 23.92
CA LYS A 38 7.37 -9.88 24.77
C LYS A 38 6.40 -9.55 25.93
N ALA A 39 5.20 -10.15 25.86
CA ALA A 39 4.15 -9.96 26.86
C ALA A 39 3.89 -11.26 27.63
N PRO A 40 3.50 -11.15 28.93
CA PRO A 40 3.23 -12.32 29.71
C PRO A 40 2.32 -13.34 29.02
N GLY A 41 2.78 -14.58 28.94
CA GLY A 41 1.99 -15.64 28.36
C GLY A 41 2.15 -15.83 26.87
N LYS A 42 2.83 -14.90 26.19
CA LYS A 42 3.07 -15.01 24.76
C LYS A 42 4.55 -15.17 24.43
N LYS A 43 4.85 -15.80 23.31
CA LYS A 43 6.21 -15.89 22.83
C LYS A 43 6.62 -14.49 22.38
N GLU A 44 7.91 -14.22 22.42
CA GLU A 44 8.46 -12.98 21.94
C GLU A 44 8.31 -12.90 20.44
N SER A 45 7.99 -11.71 19.94
CA SER A 45 7.87 -11.49 18.50
C SER A 45 8.63 -10.24 18.05
N CYS A 46 8.98 -10.23 16.77
CA CYS A 46 9.60 -9.08 16.15
CA CYS A 46 9.61 -9.09 16.17
C CYS A 46 8.54 -8.05 15.83
N VAL A 47 8.83 -6.78 16.11
CA VAL A 47 7.88 -5.74 15.75
C VAL A 47 8.56 -4.55 15.06
N ALA A 48 7.77 -3.84 14.24
CA ALA A 48 8.10 -2.51 13.79
C ALA A 48 7.47 -1.51 14.75
N ILE A 49 8.17 -0.41 15.00
CA ILE A 49 7.79 0.56 16.02
C ILE A 49 7.87 1.92 15.35
N LYS A 50 6.75 2.64 15.30
CA LYS A 50 6.75 4.05 14.90
C LYS A 50 6.76 4.87 16.17
N THR A 51 7.68 5.84 16.27
CA THR A 51 7.77 6.71 17.45
C THR A 51 7.35 8.13 17.09
N LEU A 52 6.86 8.84 18.09
CA LEU A 52 6.48 10.25 17.98
C LEU A 52 7.06 10.93 19.23
N LYS A 53 8.20 11.60 19.09
CA LYS A 53 8.92 12.19 20.25
C LYS A 53 8.34 13.56 20.62
N GLY A 54 9.01 14.29 21.52
CA GLY A 54 8.52 15.60 21.98
C GLY A 54 8.35 16.66 20.89
N GLY A 55 7.62 17.74 21.23
CA GLY A 55 7.48 18.90 20.34
C GLY A 55 6.38 18.80 19.30
N TYR A 56 5.38 17.97 19.57
CA TYR A 56 4.23 17.77 18.68
C TYR A 56 2.98 18.41 19.30
N THR A 57 2.01 18.74 18.45
CA THR A 57 0.69 19.23 18.89
C THR A 57 -0.27 18.05 19.12
N GLU A 58 -1.35 18.30 19.86
CA GLU A 58 -2.32 17.22 20.14
C GLU A 58 -3.10 16.79 18.90
N ARG A 59 -3.28 17.70 17.94
CA ARG A 59 -3.91 17.32 16.70
C ARG A 59 -3.01 16.32 16.01
N GLN A 60 -1.70 16.58 16.02
CA GLN A 60 -0.70 15.69 15.41
C GLN A 60 -0.60 14.34 16.11
N ARG A 61 -0.60 14.36 17.45
CA ARG A 61 -0.66 13.15 18.28
C ARG A 61 -1.87 12.30 17.91
N ARG A 62 -3.01 12.93 17.70
CA ARG A 62 -4.21 12.18 17.37
C ARG A 62 -4.18 11.72 15.91
N GLU A 63 -3.54 12.51 15.04
CA GLU A 63 -3.40 12.10 13.66
C GLU A 63 -2.48 10.87 13.61
N PHE A 64 -1.39 10.93 14.34
CA PHE A 64 -0.44 9.83 14.43
C PHE A 64 -1.12 8.54 14.88
N LEU A 65 -1.91 8.66 15.94
CA LEU A 65 -2.53 7.51 16.60
C LEU A 65 -3.74 6.98 15.87
N SER A 66 -4.38 7.83 15.06
CA SER A 66 -5.47 7.39 14.15
C SER A 66 -5.07 6.20 13.28
N GLU A 67 -3.80 6.14 12.88
CA GLU A 67 -3.34 5.04 12.02
C GLU A 67 -3.48 3.73 12.75
N ALA A 68 -3.14 3.74 14.04
CA ALA A 68 -3.35 2.58 14.92
C ALA A 68 -4.84 2.24 15.15
N SER A 69 -5.65 3.26 15.44
CA SER A 69 -7.12 3.06 15.55
C SER A 69 -7.68 2.34 14.33
N ILE A 70 -7.37 2.84 13.15
CA ILE A 70 -7.82 2.21 11.87
C ILE A 70 -7.28 0.79 11.69
N MET A 71 -5.97 0.58 11.81
CA MET A 71 -5.36 -0.77 11.67
C MET A 71 -5.98 -1.77 12.63
N GLY A 72 -6.26 -1.30 13.82
CA GLY A 72 -6.85 -2.16 14.84
C GLY A 72 -8.27 -2.56 14.47
N GLN A 73 -8.86 -1.93 13.45
CA GLN A 73 -10.21 -2.34 12.95
C GLN A 73 -10.16 -3.53 11.97
N PHE A 74 -8.95 -3.90 11.53
CA PHE A 74 -8.76 -4.88 10.47
C PHE A 74 -7.99 -6.10 10.96
N GLU A 75 -8.29 -7.24 10.35
CA GLU A 75 -7.58 -8.49 10.55
C GLU A 75 -7.67 -9.25 9.24
N HIS A 76 -6.53 -9.39 8.58
CA HIS A 76 -6.45 -10.06 7.29
C HIS A 76 -4.99 -10.34 7.01
N PRO A 77 -4.68 -11.50 6.44
CA PRO A 77 -3.25 -11.77 6.15
C PRO A 77 -2.50 -10.87 5.17
N ASN A 78 -3.22 -10.03 4.39
CA ASN A 78 -2.58 -9.06 3.54
C ASN A 78 -2.81 -7.61 3.93
N ILE A 79 -3.08 -7.39 5.22
CA ILE A 79 -3.21 -6.04 5.81
C ILE A 79 -2.29 -6.06 7.02
N ILE A 80 -1.46 -5.03 7.18
CA ILE A 80 -0.47 -5.01 8.29
C ILE A 80 -1.17 -5.13 9.65
N ARG A 81 -0.71 -6.06 10.49
CA ARG A 81 -1.34 -6.32 11.76
C ARG A 81 -0.80 -5.35 12.83
N LEU A 82 -1.69 -4.73 13.57
CA LEU A 82 -1.33 -3.93 14.75
C LEU A 82 -1.12 -4.84 15.95
N GLU A 83 -0.02 -4.64 16.67
CA GLU A 83 0.20 -5.28 17.97
C GLU A 83 -0.30 -4.38 19.09
N GLY A 84 -0.13 -3.08 18.96
CA GLY A 84 -0.65 -2.17 20.00
C GLY A 84 0.00 -0.83 19.94
N VAL A 85 -0.30 -0.02 20.96
CA VAL A 85 0.24 1.32 21.12
C VAL A 85 0.80 1.54 22.53
N VAL A 86 1.75 2.47 22.61
CA VAL A 86 2.25 3.02 23.86
C VAL A 86 1.91 4.51 23.89
N THR A 87 1.02 4.88 24.80
CA THR A 87 0.45 6.23 24.88
C THR A 87 0.65 6.93 26.23
N ASN A 88 0.85 6.17 27.30
CA ASN A 88 1.05 6.77 28.62
C ASN A 88 2.53 6.97 28.94
N SER A 89 3.36 7.07 27.90
CA SER A 89 4.81 7.18 28.07
C SER A 89 5.39 7.95 26.90
N MET A 90 6.68 8.25 26.98
CA MET A 90 7.40 8.94 25.91
C MET A 90 8.58 8.07 25.45
N PRO A 91 8.77 7.97 24.12
CA PRO A 91 7.90 8.55 23.09
C PRO A 91 6.61 7.77 22.89
N VAL A 92 5.63 8.41 22.24
CA VAL A 92 4.38 7.75 21.89
C VAL A 92 4.74 6.73 20.79
N MET A 93 4.18 5.52 20.83
CA MET A 93 4.56 4.47 19.87
C MET A 93 3.35 3.72 19.30
N ILE A 94 3.51 3.28 18.05
CA ILE A 94 2.64 2.31 17.38
C ILE A 94 3.51 1.13 17.01
N LEU A 95 3.08 -0.05 17.43
CA LEU A 95 3.77 -1.31 17.14
C LEU A 95 2.95 -2.18 16.23
N THR A 96 3.57 -2.65 15.14
CA THR A 96 2.93 -3.60 14.22
C THR A 96 3.79 -4.85 14.06
N GLU A 97 3.30 -5.84 13.34
CA GLU A 97 4.12 -6.95 12.93
C GLU A 97 5.31 -6.38 12.16
N PHE A 98 6.47 -7.06 12.16
CA PHE A 98 7.64 -6.58 11.39
C PHE A 98 7.68 -7.21 9.99
N MET A 99 7.77 -6.38 8.96
CA MET A 99 7.86 -6.86 7.58
C MET A 99 9.33 -6.73 7.16
N GLU A 100 10.01 -7.87 7.11
CA GLU A 100 11.48 -7.95 7.04
C GLU A 100 12.07 -7.39 5.75
N ASN A 101 11.30 -7.36 4.66
CA ASN A 101 11.79 -6.82 3.39
C ASN A 101 11.30 -5.41 3.04
N GLY A 102 10.49 -4.81 3.92
CA GLY A 102 10.21 -3.39 3.85
C GLY A 102 9.28 -3.07 2.71
N ALA A 103 9.37 -1.87 2.17
CA ALA A 103 8.45 -1.40 1.12
C ALA A 103 8.72 -2.06 -0.21
N LEU A 104 7.66 -2.42 -0.92
CA LEU A 104 7.82 -3.19 -2.17
C LEU A 104 8.58 -2.51 -3.29
N ASP A 105 8.43 -1.20 -3.46
CA ASP A 105 9.04 -0.50 -4.60
C ASP A 105 10.56 -0.62 -4.50
N SER A 106 11.10 -0.26 -3.33
CA SER A 106 12.51 -0.34 -3.11
C SER A 106 12.98 -1.80 -3.07
N PHE A 107 12.19 -2.70 -2.46
CA PHE A 107 12.57 -4.11 -2.43
C PHE A 107 12.71 -4.64 -3.87
N LEU A 108 11.80 -4.22 -4.76
CA LEU A 108 11.85 -4.67 -6.18
C LEU A 108 13.01 -4.05 -6.94
N ARG A 109 13.27 -2.77 -6.71
CA ARG A 109 14.41 -2.12 -7.38
C ARG A 109 15.71 -2.79 -6.98
N LEU A 110 15.83 -3.13 -5.70
CA LEU A 110 16.96 -3.92 -5.22
C LEU A 110 17.12 -5.30 -5.91
N ASN A 111 16.01 -5.91 -6.28
CA ASN A 111 15.97 -7.22 -6.86
C ASN A 111 15.48 -7.22 -8.32
N ASP A 112 15.96 -6.24 -9.09
CA ASP A 112 15.45 -5.96 -10.41
C ASP A 112 15.69 -7.17 -11.30
N GLY A 113 14.62 -7.75 -11.84
CA GLY A 113 14.72 -8.84 -12.79
C GLY A 113 14.93 -10.18 -12.14
N GLN A 114 14.89 -10.22 -10.80
CA GLN A 114 15.32 -11.41 -10.05
C GLN A 114 14.22 -12.30 -9.51
N PHE A 115 12.97 -11.82 -9.60
CA PHE A 115 11.79 -12.64 -9.29
C PHE A 115 11.03 -13.01 -10.58
N THR A 116 10.50 -14.24 -10.63
CA THR A 116 9.74 -14.72 -11.77
C THR A 116 8.39 -14.04 -11.85
N VAL A 117 7.79 -14.10 -13.04
CA VAL A 117 6.43 -13.60 -13.26
C VAL A 117 5.46 -14.21 -12.28
N ILE A 118 5.61 -15.51 -11.99
CA ILE A 118 4.68 -16.19 -11.12
C ILE A 118 4.79 -15.60 -9.72
N GLN A 119 6.01 -15.31 -9.30
CA GLN A 119 6.22 -14.66 -8.01
C GLN A 119 5.61 -13.29 -7.97
N LEU A 120 5.84 -12.49 -9.01
CA LEU A 120 5.29 -11.14 -9.06
C LEU A 120 3.76 -11.19 -9.07
N VAL A 121 3.17 -12.18 -9.75
CA VAL A 121 1.70 -12.29 -9.79
C VAL A 121 1.18 -12.67 -8.42
N GLY A 122 1.92 -13.53 -7.71
CA GLY A 122 1.57 -13.87 -6.33
C GLY A 122 1.58 -12.65 -5.42
N MET A 123 2.56 -11.79 -5.57
CA MET A 123 2.59 -10.52 -4.81
C MET A 123 1.35 -9.66 -5.13
N LEU A 124 1.04 -9.56 -6.41
CA LEU A 124 -0.09 -8.76 -6.84
C LEU A 124 -1.40 -9.35 -6.33
N ARG A 125 -1.45 -10.67 -6.24
CA ARG A 125 -2.64 -11.37 -5.74
C ARG A 125 -2.85 -11.04 -4.26
N GLY A 126 -1.76 -10.96 -3.53
CA GLY A 126 -1.75 -10.66 -2.09
C GLY A 126 -2.26 -9.25 -1.85
N ILE A 127 -1.78 -8.29 -2.65
CA ILE A 127 -2.18 -6.90 -2.54
C ILE A 127 -3.69 -6.81 -2.86
N ALA A 128 -4.14 -7.55 -3.90
CA ALA A 128 -5.53 -7.51 -4.34
C ALA A 128 -6.48 -8.09 -3.33
N SER A 129 -6.03 -9.11 -2.63
CA SER A 129 -6.80 -9.71 -1.59
C SER A 129 -6.94 -8.74 -0.41
N GLY A 130 -5.86 -8.06 -0.05
CA GLY A 130 -5.93 -7.00 0.95
C GLY A 130 -6.95 -5.96 0.58
N MET A 131 -6.91 -5.51 -0.68
CA MET A 131 -7.85 -4.51 -1.16
C MET A 131 -9.30 -4.99 -1.21
N ARG A 132 -9.47 -6.24 -1.61
CA ARG A 132 -10.75 -6.92 -1.59
C ARG A 132 -11.37 -6.87 -0.22
N TYR A 133 -10.54 -7.10 0.81
CA TYR A 133 -10.97 -7.05 2.20
C TYR A 133 -11.37 -5.63 2.62
N LEU A 134 -10.53 -4.66 2.27
CA LEU A 134 -10.79 -3.27 2.62
C LEU A 134 -12.06 -2.75 1.97
N ALA A 135 -12.26 -3.03 0.70
CA ALA A 135 -13.48 -2.67 -0.01
C ALA A 135 -14.70 -3.29 0.63
N GLU A 136 -14.59 -4.56 1.00
CA GLU A 136 -15.65 -5.27 1.71
C GLU A 136 -15.98 -4.58 3.04
N MET A 137 -14.96 -4.06 3.70
CA MET A 137 -15.12 -3.27 4.93
C MET A 137 -15.54 -1.82 4.64
N SER A 138 -15.85 -1.49 3.38
CA SER A 138 -16.16 -0.11 2.98
C SER A 138 -15.07 0.88 3.34
N TYR A 139 -13.82 0.43 3.36
CA TYR A 139 -12.68 1.32 3.59
C TYR A 139 -12.02 1.62 2.25
N VAL A 140 -11.93 2.91 1.93
CA VAL A 140 -11.29 3.39 0.71
C VAL A 140 -9.86 3.83 1.07
N HIS A 141 -8.86 3.30 0.39
CA HIS A 141 -7.49 3.51 0.84
C HIS A 141 -6.94 4.93 0.53
N ARG A 142 -7.12 5.34 -0.74
CA ARG A 142 -6.77 6.65 -1.27
C ARG A 142 -5.29 6.87 -1.61
N ASP A 143 -4.40 6.07 -1.08
CA ASP A 143 -2.95 6.23 -1.33
C ASP A 143 -2.30 4.87 -1.65
N LEU A 144 -2.97 4.06 -2.48
CA LEU A 144 -2.50 2.72 -2.84
C LEU A 144 -1.38 2.84 -3.88
N ALA A 145 -0.18 2.41 -3.50
CA ALA A 145 1.03 2.59 -4.25
C ALA A 145 2.00 1.53 -3.75
N ALA A 146 2.97 1.11 -4.56
CA ALA A 146 3.91 0.08 -4.11
C ALA A 146 4.71 0.52 -2.88
N ARG A 147 4.97 1.81 -2.75
CA ARG A 147 5.66 2.28 -1.52
C ARG A 147 4.90 1.98 -0.23
N ASN A 148 3.60 1.72 -0.35
CA ASN A 148 2.75 1.48 0.81
C ASN A 148 2.40 -0.01 0.99
N ILE A 149 3.00 -0.86 0.16
CA ILE A 149 2.92 -2.28 0.31
C ILE A 149 4.19 -2.74 1.00
N LEU A 150 4.05 -3.52 2.07
CA LEU A 150 5.20 -4.08 2.80
C LEU A 150 5.28 -5.55 2.54
N VAL A 151 6.51 -6.07 2.61
CA VAL A 151 6.82 -7.41 2.14
C VAL A 151 7.53 -8.15 3.24
N ASN A 152 7.03 -9.32 3.65
CA ASN A 152 7.74 -10.13 4.69
C ASN A 152 8.79 -11.09 4.09
N SER A 153 9.46 -11.88 4.95
CA SER A 153 10.54 -12.74 4.47
C SER A 153 10.07 -13.89 3.55
N ASN A 154 8.75 -14.20 3.52
CA ASN A 154 8.17 -15.19 2.59
C ASN A 154 7.55 -14.52 1.38
N LEU A 155 7.79 -13.21 1.24
CA LEU A 155 7.38 -12.44 0.07
C LEU A 155 5.87 -12.15 0.05
N VAL A 156 5.24 -12.28 1.21
CA VAL A 156 3.85 -11.95 1.39
C VAL A 156 3.75 -10.43 1.50
N CYS A 157 2.90 -9.90 0.63
CA CYS A 157 2.65 -8.49 0.51
C CYS A 157 1.45 -8.07 1.32
N LYS A 158 1.63 -6.98 2.09
CA LYS A 158 0.54 -6.47 2.90
C LYS A 158 0.37 -4.97 2.71
N VAL A 159 -0.88 -4.54 2.72
CA VAL A 159 -1.25 -3.13 2.60
C VAL A 159 -1.00 -2.42 3.94
N SER A 160 -0.51 -1.20 3.80
CA SER A 160 -0.17 -0.35 4.91
C SER A 160 -0.52 1.09 4.55
N ASP A 161 -0.39 1.98 5.53
CA ASP A 161 -0.71 3.39 5.41
C ASP A 161 -2.21 3.67 5.55
N PHE A 162 -2.64 3.83 6.80
CA PHE A 162 -4.04 4.04 7.12
C PHE A 162 -4.20 5.38 7.84
N GLY A 163 -5.25 6.10 7.45
CA GLY A 163 -5.51 7.44 7.92
C GLY A 163 -6.72 7.94 7.14
N LEU A 164 -7.57 8.74 7.79
CA LEU A 164 -8.85 9.18 7.23
C LEU A 164 -8.90 10.69 6.98
N SER A 165 -7.75 11.34 7.10
CA SER A 165 -7.66 12.78 7.07
C SER A 165 -7.84 13.24 5.63
N ARG A 166 -8.66 14.27 5.40
CA ARG A 166 -8.85 14.75 4.04
C ARG A 166 -7.49 15.16 3.48
N PHE A 167 -7.33 15.01 2.17
CA PHE A 167 -6.17 15.58 1.50
C PHE A 167 -6.29 17.13 1.57
N LEU A 168 -5.16 17.80 1.45
CA LEU A 168 -5.10 19.25 1.60
C LEU A 168 -6.02 20.00 0.60
N GLU A 169 -6.19 19.45 -0.60
CA GLU A 169 -7.04 20.07 -1.61
C GLU A 169 -8.55 20.00 -1.26
N GLU A 170 -8.90 19.03 -0.41
CA GLU A 170 -10.30 18.84 0.02
C GLU A 170 -10.74 19.82 1.13
N ASN A 171 -9.82 20.62 1.65
CA ASN A 171 -10.04 21.35 2.88
C ASN A 171 -9.92 22.85 2.70
N SER A 172 -10.09 23.59 3.81
CA SER A 172 -10.12 25.04 3.77
C SER A 172 -9.24 25.58 2.64
N SER A 173 -9.92 26.26 1.71
CA SER A 173 -9.32 27.28 0.84
C SER A 173 -7.88 27.69 1.22
N ASP A 174 -7.72 28.18 2.45
CA ASP A 174 -6.42 28.62 2.99
C ASP A 174 -5.81 27.53 3.85
N GLY A 183 -1.76 15.66 3.75
CA GLY A 183 -1.03 15.38 2.50
C GLY A 183 -1.73 15.83 1.23
N LYS A 184 -0.95 15.93 0.15
CA LYS A 184 -1.50 16.27 -1.15
C LYS A 184 -1.95 15.00 -1.83
N ILE A 185 -2.83 15.15 -2.82
CA ILE A 185 -3.33 13.99 -3.54
C ILE A 185 -2.15 13.37 -4.30
N PRO A 186 -1.95 12.03 -4.21
CA PRO A 186 -0.88 11.40 -5.00
C PRO A 186 -1.28 11.24 -6.46
N ILE A 187 -1.10 12.31 -7.21
CA ILE A 187 -1.68 12.45 -8.53
C ILE A 187 -1.42 11.24 -9.44
N ARG A 188 -0.19 10.73 -9.44
CA ARG A 188 0.23 9.65 -10.33
C ARG A 188 -0.48 8.34 -10.05
N TRP A 189 -0.98 8.17 -8.82
CA TRP A 189 -1.72 6.96 -8.44
C TRP A 189 -3.24 7.12 -8.48
N THR A 190 -3.69 8.34 -8.78
CA THR A 190 -5.06 8.75 -8.45
C THR A 190 -5.95 8.74 -9.73
N ALA A 191 -7.13 8.16 -9.60
CA ALA A 191 -8.07 8.05 -10.73
C ALA A 191 -8.53 9.46 -11.13
N PRO A 192 -8.81 9.66 -12.43
CA PRO A 192 -9.15 10.99 -12.92
C PRO A 192 -10.33 11.69 -12.21
N GLU A 193 -11.37 10.95 -11.90
CA GLU A 193 -12.53 11.53 -11.22
C GLU A 193 -12.23 11.86 -9.78
N ALA A 194 -11.28 11.15 -9.19
CA ALA A 194 -10.88 11.41 -7.84
C ALA A 194 -10.06 12.71 -7.79
N ILE A 195 -9.19 12.91 -8.78
CA ILE A 195 -8.43 14.16 -8.90
C ILE A 195 -9.37 15.33 -9.19
N ALA A 196 -10.20 15.18 -10.23
CA ALA A 196 -11.12 16.25 -10.64
C ALA A 196 -12.15 16.60 -9.56
N PHE A 197 -12.81 15.58 -8.99
CA PHE A 197 -13.97 15.82 -8.09
C PHE A 197 -13.77 15.41 -6.61
N ARG A 198 -12.59 14.90 -6.29
CA ARG A 198 -12.34 14.26 -4.98
C ARG A 198 -13.38 13.24 -4.61
N LYS A 199 -13.85 12.50 -5.59
CA LYS A 199 -14.70 11.36 -5.32
C LYS A 199 -13.78 10.14 -5.27
N PHE A 200 -13.41 9.75 -4.05
CA PHE A 200 -12.59 8.58 -3.78
C PHE A 200 -13.48 7.41 -3.40
N THR A 201 -13.36 6.32 -4.13
CA THR A 201 -14.18 5.15 -3.89
C THR A 201 -13.28 3.92 -4.04
N SER A 202 -13.82 2.75 -3.75
CA SER A 202 -13.10 1.54 -4.04
C SER A 202 -12.78 1.45 -5.56
N ALA A 203 -13.66 2.01 -6.39
CA ALA A 203 -13.39 2.08 -7.84
C ALA A 203 -12.20 2.94 -8.19
N SER A 204 -11.97 4.02 -7.46
CA SER A 204 -10.74 4.80 -7.67
C SER A 204 -9.53 4.08 -7.09
N ASP A 205 -9.75 3.33 -6.02
CA ASP A 205 -8.70 2.45 -5.53
C ASP A 205 -8.32 1.40 -6.59
N ALA A 206 -9.29 0.91 -7.39
CA ALA A 206 -8.94 -0.07 -8.43
C ALA A 206 -8.00 0.51 -9.50
N TRP A 207 -8.21 1.78 -9.83
CA TRP A 207 -7.29 2.53 -10.72
C TRP A 207 -5.89 2.55 -10.11
N SER A 208 -5.76 3.04 -8.88
CA SER A 208 -4.47 2.95 -8.17
C SER A 208 -3.85 1.51 -8.19
N TYR A 209 -4.65 0.48 -7.91
CA TYR A 209 -4.16 -0.91 -8.01
C TYR A 209 -3.54 -1.17 -9.40
N GLY A 210 -4.15 -0.63 -10.48
CA GLY A 210 -3.57 -0.77 -11.83
C GLY A 210 -2.18 -0.18 -11.93
N ILE A 211 -1.99 0.99 -11.33
CA ILE A 211 -0.68 1.62 -11.28
C ILE A 211 0.25 0.74 -10.43
N VAL A 212 -0.26 0.16 -9.34
CA VAL A 212 0.57 -0.73 -8.52
C VAL A 212 1.05 -1.95 -9.34
N MET A 213 0.14 -2.51 -10.13
CA MET A 213 0.52 -3.61 -11.00
C MET A 213 1.70 -3.26 -11.90
N TRP A 214 1.66 -2.05 -12.46
CA TRP A 214 2.66 -1.54 -13.35
C TRP A 214 3.96 -1.30 -12.61
N GLU A 215 3.86 -0.77 -11.39
CA GLU A 215 5.06 -0.66 -10.54
C GLU A 215 5.74 -1.99 -10.29
N VAL A 216 4.94 -3.04 -10.04
CA VAL A 216 5.46 -4.35 -9.73
C VAL A 216 6.12 -4.98 -10.97
N MET A 217 5.39 -5.06 -12.07
CA MET A 217 5.93 -5.64 -13.31
C MET A 217 7.10 -4.85 -13.87
N SER A 218 7.34 -3.63 -13.39
CA SER A 218 8.45 -2.80 -13.83
C SER A 218 9.57 -2.81 -12.80
N PHE A 219 9.45 -3.67 -11.79
CA PHE A 219 10.39 -3.75 -10.66
C PHE A 219 10.67 -2.38 -10.02
N GLY A 220 9.58 -1.63 -9.77
CA GLY A 220 9.67 -0.38 -8.99
C GLY A 220 10.08 0.89 -9.75
N GLU A 221 9.76 0.98 -11.04
CA GLU A 221 10.00 2.23 -11.77
C GLU A 221 8.92 3.21 -11.35
N ARG A 222 9.19 4.48 -11.55
CA ARG A 222 8.27 5.57 -11.21
C ARG A 222 7.19 5.66 -12.29
N PRO A 223 5.88 5.57 -11.90
CA PRO A 223 4.83 5.73 -12.88
C PRO A 223 4.97 7.05 -13.60
N TYR A 224 4.92 7.01 -14.91
CA TYR A 224 4.99 8.22 -15.78
C TYR A 224 6.37 8.94 -15.79
N TRP A 225 7.42 8.21 -15.39
CA TRP A 225 8.81 8.70 -15.48
C TRP A 225 8.90 10.16 -15.04
N ASP A 226 9.28 11.06 -15.94
CA ASP A 226 9.57 12.45 -15.56
C ASP A 226 8.42 13.41 -15.87
N MET A 227 7.27 12.87 -16.25
CA MET A 227 6.16 13.70 -16.61
C MET A 227 5.78 14.45 -15.38
N SER A 228 5.33 15.68 -15.53
CA SER A 228 4.86 16.43 -14.39
C SER A 228 3.47 15.94 -13.97
N ASN A 229 3.04 16.31 -12.78
CA ASN A 229 1.71 15.94 -12.33
C ASN A 229 0.67 16.44 -13.30
N GLN A 230 0.77 17.70 -13.71
CA GLN A 230 -0.19 18.22 -14.65
C GLN A 230 -0.01 17.59 -16.04
N ASP A 231 1.20 17.15 -16.41
CA ASP A 231 1.40 16.33 -17.65
C ASP A 231 0.60 15.00 -17.56
N VAL A 232 0.59 14.41 -16.36
CA VAL A 232 -0.08 13.15 -16.11
C VAL A 232 -1.57 13.34 -16.25
N ILE A 233 -2.08 14.40 -15.62
CA ILE A 233 -3.51 14.70 -15.64
C ILE A 233 -4.02 14.88 -17.04
N ASN A 234 -3.26 15.64 -17.84
CA ASN A 234 -3.64 15.92 -19.23
C ASN A 234 -3.55 14.69 -20.13
N ALA A 235 -2.46 13.93 -19.95
CA ALA A 235 -2.22 12.72 -20.74
C ALA A 235 -3.35 11.74 -20.58
N ILE A 236 -3.72 11.50 -19.33
CA ILE A 236 -4.80 10.58 -18.96
C ILE A 236 -6.17 11.01 -19.50
N GLU A 237 -6.52 12.28 -19.27
CA GLU A 237 -7.70 12.91 -19.91
C GLU A 237 -7.70 12.76 -21.44
N GLN A 238 -6.53 12.77 -22.05
CA GLN A 238 -6.39 12.60 -23.50
C GLN A 238 -6.04 11.16 -23.91
N ASP A 239 -6.45 10.19 -23.08
CA ASP A 239 -6.48 8.75 -23.44
C ASP A 239 -5.12 8.01 -23.39
N TYR A 240 -4.07 8.66 -22.88
CA TYR A 240 -2.80 8.00 -22.71
C TYR A 240 -2.93 7.03 -21.53
N ARG A 241 -2.31 5.86 -21.66
CA ARG A 241 -2.15 4.88 -20.56
C ARG A 241 -0.73 4.30 -20.62
N LEU A 242 -0.13 4.05 -19.45
CA LEU A 242 1.18 3.45 -19.38
C LEU A 242 1.29 2.20 -20.29
N PRO A 243 2.43 2.04 -20.99
CA PRO A 243 2.62 0.88 -21.85
C PRO A 243 3.04 -0.32 -21.00
N PRO A 244 3.03 -1.51 -21.60
CA PRO A 244 3.43 -2.69 -20.83
C PRO A 244 4.90 -2.58 -20.39
N PRO A 245 5.20 -2.81 -19.11
CA PRO A 245 6.63 -2.88 -18.81
C PRO A 245 7.34 -3.93 -19.67
N PRO A 246 8.69 -3.86 -19.78
CA PRO A 246 9.39 -4.85 -20.56
C PRO A 246 9.08 -6.23 -20.05
N ASP A 247 8.94 -7.18 -20.96
CA ASP A 247 8.63 -8.57 -20.59
C ASP A 247 7.27 -8.80 -19.91
N CYS A 248 6.44 -7.79 -19.78
CA CYS A 248 5.19 -7.98 -19.05
C CYS A 248 4.18 -8.80 -19.86
N PRO A 249 3.66 -9.91 -19.29
CA PRO A 249 2.61 -10.66 -19.98
C PRO A 249 1.44 -9.76 -20.38
N THR A 250 0.98 -9.95 -21.59
CA THR A 250 -0.12 -9.18 -22.12
C THR A 250 -1.36 -9.25 -21.22
N SER A 251 -1.69 -10.41 -20.67
CA SER A 251 -2.91 -10.54 -19.83
C SER A 251 -2.87 -9.63 -18.60
N LEU A 252 -1.69 -9.43 -18.00
CA LEU A 252 -1.50 -8.47 -16.91
C LEU A 252 -1.64 -7.02 -17.36
N HIS A 253 -1.10 -6.71 -18.54
CA HIS A 253 -1.23 -5.35 -19.03
C HIS A 253 -2.70 -5.03 -19.30
N GLN A 254 -3.44 -6.02 -19.79
CA GLN A 254 -4.86 -5.80 -20.09
C GLN A 254 -5.66 -5.58 -18.82
N LEU A 255 -5.34 -6.34 -17.76
CA LEU A 255 -5.95 -6.09 -16.47
C LEU A 255 -5.60 -4.67 -16.03
N MET A 256 -4.38 -4.22 -16.26
CA MET A 256 -4.04 -2.82 -15.94
C MET A 256 -4.98 -1.89 -16.69
N LEU A 257 -5.18 -2.13 -17.98
CA LEU A 257 -6.01 -1.25 -18.80
C LEU A 257 -7.48 -1.27 -18.35
N ASP A 258 -7.93 -2.43 -17.89
CA ASP A 258 -9.28 -2.53 -17.32
C ASP A 258 -9.38 -1.64 -16.08
N CYS A 259 -8.36 -1.70 -15.21
CA CYS A 259 -8.34 -0.86 -14.01
C CYS A 259 -8.31 0.63 -14.37
N TRP A 260 -7.74 0.96 -15.50
CA TRP A 260 -7.61 2.35 -15.97
C TRP A 260 -8.75 2.85 -16.88
N GLN A 261 -9.91 2.22 -16.85
CA GLN A 261 -11.02 2.74 -17.66
C GLN A 261 -11.48 4.09 -17.08
N LYS A 262 -11.73 5.05 -17.96
CA LYS A 262 -12.18 6.37 -17.50
C LYS A 262 -13.48 6.23 -16.70
N ASP A 263 -14.42 5.45 -17.19
CA ASP A 263 -15.66 5.20 -16.46
C ASP A 263 -15.38 4.27 -15.28
N ARG A 264 -15.44 4.81 -14.06
CA ARG A 264 -15.16 4.02 -12.88
C ARG A 264 -16.03 2.76 -12.73
N ASN A 265 -17.26 2.80 -13.22
CA ASN A 265 -18.15 1.65 -13.14
C ASN A 265 -17.75 0.51 -14.08
N ALA A 266 -16.92 0.80 -15.07
CA ALA A 266 -16.44 -0.24 -15.99
C ALA A 266 -15.20 -0.94 -15.42
N ARG A 267 -14.54 -0.35 -14.43
CA ARG A 267 -13.34 -0.98 -13.85
C ARG A 267 -13.76 -2.27 -13.10
N PRO A 268 -12.86 -3.23 -13.06
CA PRO A 268 -13.13 -4.40 -12.21
C PRO A 268 -13.14 -4.10 -10.70
N ARG A 269 -14.06 -4.72 -9.99
CA ARG A 269 -14.05 -4.71 -8.53
C ARG A 269 -13.02 -5.68 -8.04
N PHE A 270 -12.63 -5.55 -6.78
CA PHE A 270 -11.47 -6.32 -6.28
C PHE A 270 -11.65 -7.81 -6.23
N PRO A 271 -12.89 -8.31 -6.00
CA PRO A 271 -13.05 -9.76 -6.15
C PRO A 271 -12.74 -10.31 -7.55
N GLN A 272 -13.14 -9.55 -8.56
CA GLN A 272 -12.87 -9.87 -9.97
CA GLN A 272 -12.89 -9.92 -9.93
C GLN A 272 -11.37 -9.80 -10.24
N VAL A 273 -10.71 -8.82 -9.63
CA VAL A 273 -9.25 -8.67 -9.78
C VAL A 273 -8.54 -9.89 -9.22
N VAL A 274 -8.94 -10.29 -8.01
CA VAL A 274 -8.38 -11.48 -7.39
C VAL A 274 -8.68 -12.71 -8.25
N SER A 275 -9.92 -12.88 -8.68
CA SER A 275 -10.26 -14.00 -9.54
C SER A 275 -9.41 -14.05 -10.80
N ALA A 276 -9.23 -12.92 -11.47
CA ALA A 276 -8.38 -12.87 -12.66
C ALA A 276 -6.94 -13.32 -12.35
N LEU A 277 -6.38 -12.88 -11.22
CA LEU A 277 -5.00 -13.25 -10.88
C LEU A 277 -4.88 -14.72 -10.52
N ASP A 278 -5.86 -15.22 -9.78
CA ASP A 278 -5.89 -16.64 -9.46
C ASP A 278 -5.93 -17.50 -10.76
N LYS A 279 -6.69 -17.07 -11.75
CA LYS A 279 -6.79 -17.78 -13.05
C LYS A 279 -5.41 -17.86 -13.72
N MET A 280 -4.73 -16.72 -13.71
CA MET A 280 -3.36 -16.63 -14.24
C MET A 280 -2.45 -17.62 -13.54
N ILE A 281 -2.51 -17.67 -12.22
CA ILE A 281 -1.69 -18.60 -11.44
C ILE A 281 -2.01 -20.07 -11.74
N ARG A 282 -3.29 -20.38 -11.98
CA ARG A 282 -3.72 -21.73 -12.36
C ARG A 282 -3.28 -22.09 -13.78
N ASN A 283 -3.08 -21.08 -14.63
CA ASN A 283 -2.79 -21.26 -16.04
C ASN A 283 -1.53 -20.49 -16.43
N PRO A 284 -0.37 -20.83 -15.83
CA PRO A 284 0.82 -19.99 -16.01
C PRO A 284 1.33 -19.91 -17.46
N ALA A 285 0.93 -20.83 -18.32
CA ALA A 285 1.25 -20.72 -19.73
C ALA A 285 0.72 -19.43 -20.37
N SER A 286 -0.43 -18.93 -19.88
CA SER A 286 -1.01 -17.73 -20.44
C SER A 286 -0.12 -16.49 -20.22
N LEU A 287 0.78 -16.56 -19.25
CA LEU A 287 1.68 -15.44 -18.93
C LEU A 287 2.86 -15.34 -19.91
N LYS A 288 3.07 -16.39 -20.71
CA LYS A 288 4.13 -16.43 -21.71
C LYS A 288 3.89 -15.51 -22.92
N ILE A 289 2.65 -15.09 -23.15
CA ILE A 289 2.35 -14.17 -24.25
C ILE A 289 2.72 -12.75 -23.80
N VAL A 290 3.77 -12.20 -24.42
CA VAL A 290 4.34 -10.88 -24.14
C VAL A 290 4.31 -10.01 -25.41
N ALA A 291 4.27 -8.69 -25.27
CA ALA A 291 4.42 -7.80 -26.45
C ALA A 291 5.90 -7.49 -26.71
CL1 7X7 B . 4.25 1.40 7.03
C1 7X7 B . 4.06 1.37 8.75
C2 7X7 B . 2.86 1.81 9.33
C3 7X7 B . 2.70 1.78 10.72
C4 7X7 B . 3.76 1.30 11.47
O1 7X7 B . 3.82 1.17 12.83
C5 7X7 B . 5.11 0.54 13.01
O2 7X7 B . 5.84 0.42 11.79
C6 7X7 B . 4.92 0.88 10.88
C7 7X7 B . 5.11 0.91 9.53
N1 7X7 B . 6.33 0.46 8.98
C8 7X7 B . 6.72 -0.89 9.00
C9 7X7 B . 5.88 -1.84 9.57
C10 7X7 B . 6.32 -3.13 9.55
N2 7X7 B . 7.49 -3.46 8.98
C11 7X7 B . 8.24 -2.49 8.46
N3 7X7 B . 9.45 -2.95 7.89
C12 7X7 B . 10.51 -2.14 7.47
C13 7X7 B . 10.50 -0.77 7.55
C14 7X7 B . 11.60 -0.03 7.13
C15 7X7 B . 12.71 -0.67 6.63
C16 7X7 B . 12.73 -2.05 6.53
C17 7X7 B . 11.64 -2.77 6.96
N4 7X7 B . 13.89 -2.66 6.01
C18 7X7 B . 13.80 -4.08 5.72
C19 7X7 B . 15.21 -4.58 5.36
O3 7X7 B . 15.76 -3.81 4.28
C20 7X7 B . 15.90 -2.45 4.70
C21 7X7 B . 14.49 -1.89 4.92
N5 7X7 B . 7.91 -1.18 8.44
MG MG C . -0.09 8.15 2.54
MG MG D . -3.09 7.42 3.11
MG MG E . 13.74 -1.91 -16.27
#